data_4K5S
#
_entry.id   4K5S
#
_cell.length_a   55.715
_cell.length_b   79.748
_cell.length_c   154.264
_cell.angle_alpha   90.00
_cell.angle_beta   90.00
_cell.angle_gamma   90.00
#
_symmetry.space_group_name_H-M   'P 2 2 21'
#
loop_
_entity.id
_entity.type
_entity.pdbx_description
1 polymer Oxygenase
2 non-polymer 'FLAVIN-ADENINE DINUCLEOTIDE'
3 non-polymer 'premithramycin B'
4 water water
#
_entity_poly.entity_id   1
_entity_poly.type   'polypeptide(L)'
_entity_poly.pdbx_seq_one_letter_code
;GSHMHNSNADDAALTTDVVVVGGGPVGLMLAGELRAGGVGALVLEKLVEPVGHDRAGALHIRTVETLDLRGLLDRFLEGT
QVAKGLPFAGIFTQGLDFGLVDTRHPYTALVPQSRTEALLAEHAREAGAEIRRGHEVTGLRQDAEAVEVTVAGPSGPYRV
RARYAVGCDGGRSTVRRLAGIGFPGTEATVRALIGYVTTPEREVPRRWERTPDGILVLAFPPEGGLGRVVVIEYTGHSPA
ADEGPVTLEDLGAAVARVRGTPLTLTEPVSWLSRFGDASRQAKRYRSGRVLLAGDAAHVHFPIGGQGLNTGLQDAVNLGW
KLAARVRGWGSEELLDTYHDERHPVAERVLLNTRAQLALMRPDEQHTTPLRGFVEELLGTDEVNRYFTGMITGTDVRYAT
FAPAAPARPHPWAGRFAGGLVLSGPSGEPVPVAELLRSARPLLLDLAGRADLREATRPWSDRVSVVAGEATVEPPAQALL
VRPDGYVAWAGSPAATADELRASLARWFGPPANREPVGHQERAGRRGRPLSALKPE
;
_entity_poly.pdbx_strand_id   A
#
# COMPACT_ATOMS: atom_id res chain seq x y z
N ALA A 13 -5.87 -4.21 27.44
CA ALA A 13 -4.78 -3.29 27.74
C ALA A 13 -3.56 -4.04 28.24
N LEU A 14 -3.78 -5.19 28.87
CA LEU A 14 -2.73 -5.87 29.63
C LEU A 14 -1.88 -6.89 28.87
N THR A 15 -2.43 -7.57 27.87
CA THR A 15 -1.60 -8.47 27.09
C THR A 15 -0.66 -7.69 26.18
N THR A 16 -1.21 -6.75 25.41
CA THR A 16 -0.40 -5.92 24.52
C THR A 16 -1.12 -4.62 24.21
N ASP A 17 -0.42 -3.69 23.57
CA ASP A 17 -1.06 -2.43 23.18
C ASP A 17 -1.95 -2.63 21.97
N VAL A 18 -1.39 -3.18 20.91
CA VAL A 18 -2.16 -3.43 19.70
C VAL A 18 -2.04 -4.88 19.23
N VAL A 19 -3.16 -5.56 19.00
N VAL A 19 -3.17 -5.54 19.00
CA VAL A 19 -3.13 -6.88 18.40
CA VAL A 19 -3.18 -6.85 18.38
C VAL A 19 -3.38 -6.76 16.90
C VAL A 19 -3.34 -6.68 16.88
N VAL A 20 -2.40 -7.22 16.11
CA VAL A 20 -2.50 -7.20 14.68
C VAL A 20 -2.96 -8.58 14.23
N VAL A 21 -4.16 -8.65 13.65
CA VAL A 21 -4.69 -9.92 13.18
C VAL A 21 -4.34 -10.15 11.71
N GLY A 22 -3.51 -11.16 11.47
CA GLY A 22 -3.03 -11.44 10.13
C GLY A 22 -1.58 -11.01 10.00
N GLY A 23 -0.70 -11.96 9.72
CA GLY A 23 0.69 -11.67 9.46
C GLY A 23 1.05 -11.79 7.98
N GLY A 24 0.20 -11.25 7.13
CA GLY A 24 0.56 -11.02 5.74
C GLY A 24 1.45 -9.79 5.66
N PRO A 25 1.78 -9.35 4.44
CA PRO A 25 2.66 -8.19 4.30
C PRO A 25 2.08 -6.94 4.98
N VAL A 26 0.78 -6.70 4.86
CA VAL A 26 0.18 -5.54 5.50
C VAL A 26 0.24 -5.60 7.04
N GLY A 27 -0.11 -6.74 7.61
CA GLY A 27 0.00 -6.89 9.05
C GLY A 27 1.43 -6.72 9.55
N LEU A 28 2.39 -7.25 8.79
CA LEU A 28 3.79 -7.20 9.19
C LEU A 28 4.32 -5.78 9.10
N MET A 29 3.95 -5.06 8.03
CA MET A 29 4.30 -3.66 7.88
C MET A 29 3.75 -2.83 9.04
N LEU A 30 2.49 -3.06 9.39
CA LEU A 30 1.84 -2.31 10.47
C LEU A 30 2.54 -2.54 11.81
N ALA A 31 2.89 -3.78 12.09
CA ALA A 31 3.59 -4.11 13.33
C ALA A 31 4.91 -3.36 13.42
N GLY A 32 5.62 -3.28 12.31
CA GLY A 32 6.87 -2.54 12.24
C GLY A 32 6.59 -1.08 12.58
N GLU A 33 5.53 -0.54 12.01
CA GLU A 33 5.16 0.86 12.22
C GLU A 33 4.78 1.14 13.68
N LEU A 34 4.05 0.21 14.29
CA LEU A 34 3.65 0.36 15.67
C LEU A 34 4.87 0.31 16.59
N ARG A 35 5.81 -0.56 16.28
CA ARG A 35 7.04 -0.63 17.06
C ARG A 35 7.84 0.66 16.91
N ALA A 36 7.91 1.19 15.69
CA ALA A 36 8.60 2.45 15.43
C ALA A 36 7.94 3.56 16.24
N GLY A 37 6.66 3.37 16.54
CA GLY A 37 5.90 4.35 17.30
C GLY A 37 5.98 4.13 18.79
N GLY A 38 6.76 3.13 19.20
CA GLY A 38 7.02 2.87 20.60
C GLY A 38 5.88 2.18 21.35
N VAL A 39 5.05 1.42 20.64
CA VAL A 39 4.02 0.65 21.35
C VAL A 39 4.13 -0.85 21.06
N GLY A 40 3.54 -1.67 21.93
CA GLY A 40 3.57 -3.10 21.76
C GLY A 40 2.71 -3.55 20.59
N ALA A 41 3.20 -4.56 19.88
CA ALA A 41 2.48 -5.11 18.73
C ALA A 41 2.62 -6.62 18.73
N LEU A 42 1.48 -7.29 18.82
CA LEU A 42 1.42 -8.74 18.75
C LEU A 42 0.68 -9.12 17.47
N VAL A 43 1.38 -9.79 16.56
CA VAL A 43 0.80 -10.28 15.31
C VAL A 43 0.32 -11.72 15.49
N LEU A 44 -0.96 -11.97 15.21
CA LEU A 44 -1.52 -13.32 15.26
C LEU A 44 -1.81 -13.78 13.84
N GLU A 45 -1.06 -14.77 13.37
CA GLU A 45 -1.20 -15.27 12.00
C GLU A 45 -1.69 -16.71 12.03
N LYS A 46 -2.78 -16.95 11.32
CA LYS A 46 -3.44 -18.25 11.33
C LYS A 46 -2.56 -19.39 10.80
N LEU A 47 -1.85 -19.12 9.72
CA LEU A 47 -1.03 -20.12 9.05
C LEU A 47 0.29 -20.35 9.76
N VAL A 48 0.71 -21.60 9.82
CA VAL A 48 1.99 -21.97 10.39
C VAL A 48 3.10 -21.53 9.46
N GLU A 49 2.87 -21.74 8.16
CA GLU A 49 3.85 -21.47 7.12
C GLU A 49 3.22 -20.56 6.08
N PRO A 50 4.00 -19.63 5.53
CA PRO A 50 3.53 -18.82 4.39
C PRO A 50 3.09 -19.69 3.21
N VAL A 51 2.20 -19.14 2.39
CA VAL A 51 1.74 -19.84 1.20
C VAL A 51 2.19 -19.11 -0.08
N GLY A 52 1.91 -19.71 -1.23
CA GLY A 52 2.34 -19.17 -2.50
C GLY A 52 1.53 -18.00 -2.98
N HIS A 53 2.20 -17.10 -3.70
CA HIS A 53 1.56 -15.94 -4.30
C HIS A 53 2.12 -15.80 -5.71
N ASP A 54 1.64 -14.82 -6.46
CA ASP A 54 2.22 -14.56 -7.77
C ASP A 54 3.73 -14.39 -7.55
N ARG A 55 4.53 -15.03 -8.40
CA ARG A 55 5.99 -14.94 -8.31
C ARG A 55 6.53 -13.64 -8.92
N ALA A 56 5.67 -12.92 -9.62
CA ALA A 56 6.03 -11.59 -10.09
C ALA A 56 5.27 -10.57 -9.25
N GLY A 57 5.99 -9.58 -8.75
CA GLY A 57 5.38 -8.55 -7.93
C GLY A 57 5.81 -7.16 -8.37
N ALA A 58 5.15 -6.14 -7.83
CA ALA A 58 5.45 -4.76 -8.21
C ALA A 58 5.16 -3.82 -7.06
N LEU A 59 6.17 -3.05 -6.67
CA LEU A 59 6.01 -2.00 -5.69
C LEU A 59 6.28 -0.70 -6.43
N HIS A 60 5.30 0.18 -6.50
CA HIS A 60 5.41 1.38 -7.33
C HIS A 60 6.01 2.56 -6.56
N ILE A 61 6.14 3.69 -7.26
CA ILE A 61 6.83 4.88 -6.76
C ILE A 61 6.54 5.27 -5.31
N ARG A 62 5.26 5.47 -4.98
CA ARG A 62 4.92 5.99 -3.67
C ARG A 62 5.20 4.94 -2.59
N THR A 63 5.09 3.66 -2.95
CA THR A 63 5.49 2.60 -2.01
C THR A 63 7.00 2.63 -1.78
N VAL A 64 7.74 2.70 -2.88
CA VAL A 64 9.19 2.84 -2.84
C VAL A 64 9.62 4.05 -2.00
N GLU A 65 8.94 5.18 -2.21
CA GLU A 65 9.25 6.39 -1.45
C GLU A 65 8.96 6.16 0.02
N THR A 66 7.86 5.44 0.27
CA THR A 66 7.46 5.11 1.64
C THR A 66 8.47 4.20 2.33
N LEU A 67 8.90 3.15 1.66
CA LEU A 67 9.94 2.27 2.18
C LEU A 67 11.22 3.06 2.50
N ASP A 68 11.54 4.01 1.65
CA ASP A 68 12.72 4.85 1.83
C ASP A 68 12.64 5.64 3.15
N LEU A 69 11.48 6.21 3.44
CA LEU A 69 11.36 7.04 4.62
C LEU A 69 11.24 6.19 5.89
N ARG A 70 11.17 4.88 5.72
CA ARG A 70 11.24 3.97 6.85
C ARG A 70 12.56 3.20 6.87
N GLY A 71 13.47 3.53 5.95
CA GLY A 71 14.78 2.90 5.92
C GLY A 71 14.79 1.45 5.44
N LEU A 72 13.78 1.07 4.67
CA LEU A 72 13.67 -0.29 4.17
C LEU A 72 13.99 -0.43 2.68
N LEU A 73 14.13 0.70 2.00
CA LEU A 73 14.32 0.67 0.55
C LEU A 73 15.54 -0.16 0.14
N ASP A 74 16.67 0.05 0.82
CA ASP A 74 17.90 -0.66 0.44
C ASP A 74 17.73 -2.18 0.36
N ARG A 75 17.08 -2.76 1.37
CA ARG A 75 16.92 -4.21 1.43
C ARG A 75 15.92 -4.69 0.40
N PHE A 76 14.99 -3.82 0.03
CA PHE A 76 14.03 -4.12 -1.01
C PHE A 76 14.61 -4.01 -2.43
N LEU A 77 15.69 -3.28 -2.61
CA LEU A 77 16.29 -3.07 -3.92
C LEU A 77 17.42 -4.08 -4.25
N GLU A 78 18.01 -4.64 -3.21
CA GLU A 78 19.09 -5.59 -3.38
C GLU A 78 18.75 -6.83 -4.16
N GLY A 79 19.36 -6.98 -5.29
CA GLY A 79 19.00 -8.13 -6.11
C GLY A 79 17.71 -8.03 -6.94
N THR A 80 17.12 -6.85 -6.92
CA THR A 80 15.85 -6.54 -7.55
C THR A 80 15.89 -5.98 -8.96
N GLN A 81 15.07 -6.55 -9.83
CA GLN A 81 14.86 -5.93 -11.13
C GLN A 81 13.89 -4.78 -10.97
N VAL A 82 14.14 -3.67 -11.66
CA VAL A 82 13.21 -2.55 -11.65
C VAL A 82 12.72 -2.27 -13.07
N ALA A 83 11.51 -1.74 -13.17
CA ALA A 83 10.93 -1.35 -14.46
C ALA A 83 10.93 0.16 -14.51
N LYS A 84 11.38 0.72 -15.63
CA LYS A 84 11.52 2.17 -15.74
C LYS A 84 10.26 2.77 -16.35
N GLY A 85 9.30 1.91 -16.67
CA GLY A 85 8.02 2.32 -17.22
C GLY A 85 7.02 1.18 -17.07
N LEU A 86 5.77 1.40 -17.45
CA LEU A 86 4.73 0.39 -17.28
C LEU A 86 3.72 0.40 -18.41
N PRO A 87 3.16 -0.78 -18.75
CA PRO A 87 2.08 -0.75 -19.73
C PRO A 87 0.84 -0.21 -19.03
N PHE A 88 -0.22 0.05 -19.79
CA PHE A 88 -1.49 0.41 -19.15
C PHE A 88 -2.61 -0.34 -19.85
N ALA A 89 -3.34 -1.14 -19.07
CA ALA A 89 -4.48 -1.91 -19.58
C ALA A 89 -4.13 -2.61 -20.88
N GLY A 90 -2.99 -3.31 -20.90
CA GLY A 90 -2.57 -4.09 -22.05
C GLY A 90 -2.21 -3.26 -23.27
N ILE A 91 -1.90 -2.00 -23.03
CA ILE A 91 -1.32 -1.15 -24.05
C ILE A 91 0.17 -0.98 -23.74
N PHE A 92 1.02 -1.32 -24.71
CA PHE A 92 2.48 -1.38 -24.49
C PHE A 92 3.30 -0.37 -25.30
N THR A 93 2.67 0.33 -26.23
CA THR A 93 3.39 1.20 -27.16
C THR A 93 3.59 2.62 -26.63
N GLN A 94 2.76 3.03 -25.67
CA GLN A 94 2.89 4.35 -25.01
C GLN A 94 2.89 4.20 -23.49
N GLY A 95 3.91 3.55 -22.97
CA GLY A 95 3.95 3.22 -21.55
C GLY A 95 3.84 4.40 -20.61
N LEU A 96 3.41 4.15 -19.38
CA LEU A 96 3.37 5.18 -18.37
C LEU A 96 4.77 5.76 -18.19
N ASP A 97 4.85 7.08 -18.22
CA ASP A 97 6.16 7.74 -18.28
C ASP A 97 6.56 8.32 -16.91
N PHE A 98 7.46 7.63 -16.22
CA PHE A 98 7.85 8.07 -14.88
C PHE A 98 8.55 9.43 -14.88
N GLY A 99 8.96 9.88 -16.05
CA GLY A 99 9.58 11.19 -16.18
C GLY A 99 8.64 12.36 -15.95
N LEU A 100 7.33 12.09 -16.02
CA LEU A 100 6.31 13.15 -16.00
C LEU A 100 5.81 13.39 -14.59
N VAL A 101 6.30 12.60 -13.64
CA VAL A 101 5.90 12.78 -12.26
C VAL A 101 7.10 13.14 -11.41
N ASP A 102 6.84 13.77 -10.28
CA ASP A 102 7.89 14.27 -9.42
C ASP A 102 8.27 13.20 -8.41
N THR A 103 9.48 12.66 -8.55
CA THR A 103 10.01 11.70 -7.59
C THR A 103 11.51 11.58 -7.73
N ARG A 104 12.17 11.11 -6.68
CA ARG A 104 13.58 10.78 -6.72
C ARG A 104 13.79 9.32 -7.11
N HIS A 105 12.69 8.57 -7.21
CA HIS A 105 12.73 7.14 -7.51
C HIS A 105 11.82 6.77 -8.67
N PRO A 106 12.19 7.18 -9.88
CA PRO A 106 11.33 6.92 -11.04
C PRO A 106 11.42 5.49 -11.54
N TYR A 107 10.88 4.54 -10.77
CA TYR A 107 10.83 3.14 -11.20
C TYR A 107 9.87 2.31 -10.35
N THR A 108 9.55 1.14 -10.85
CA THR A 108 8.77 0.16 -10.10
C THR A 108 9.70 -0.97 -9.71
N ALA A 109 9.69 -1.33 -8.42
CA ALA A 109 10.53 -2.41 -7.90
C ALA A 109 9.78 -3.74 -8.05
N LEU A 110 10.33 -4.63 -8.86
CA LEU A 110 9.68 -5.90 -9.18
C LEU A 110 10.02 -6.96 -8.13
N VAL A 111 9.49 -6.77 -6.93
CA VAL A 111 9.76 -7.66 -5.80
C VAL A 111 8.63 -8.67 -5.68
N PRO A 112 8.95 -9.97 -5.68
CA PRO A 112 7.87 -10.95 -5.47
C PRO A 112 7.28 -10.82 -4.07
N GLN A 113 5.96 -10.99 -3.96
CA GLN A 113 5.28 -10.79 -2.69
C GLN A 113 5.85 -11.68 -1.57
N SER A 114 6.23 -12.91 -1.92
N SER A 114 6.23 -12.91 -1.93
CA SER A 114 6.81 -13.79 -0.90
CA SER A 114 6.81 -13.80 -0.94
C SER A 114 8.08 -13.19 -0.33
C SER A 114 8.05 -13.16 -0.32
N ARG A 115 8.83 -12.47 -1.15
CA ARG A 115 10.03 -11.80 -0.67
C ARG A 115 9.66 -10.56 0.16
N THR A 116 8.64 -9.82 -0.26
CA THR A 116 8.17 -8.67 0.52
C THR A 116 7.74 -9.13 1.91
N GLU A 117 7.00 -10.24 1.95
CA GLU A 117 6.58 -10.82 3.22
C GLU A 117 7.74 -11.24 4.13
N ALA A 118 8.73 -11.94 3.55
CA ALA A 118 9.90 -12.36 4.32
C ALA A 118 10.69 -11.17 4.87
N LEU A 119 10.90 -10.15 4.04
CA LEU A 119 11.63 -8.96 4.49
C LEU A 119 10.90 -8.23 5.61
N LEU A 120 9.59 -8.08 5.48
CA LEU A 120 8.81 -7.39 6.49
C LEU A 120 8.70 -8.20 7.78
N ALA A 121 8.71 -9.52 7.64
CA ALA A 121 8.65 -10.38 8.82
C ALA A 121 9.92 -10.24 9.62
N GLU A 122 11.06 -10.24 8.95
CA GLU A 122 12.32 -10.04 9.65
C GLU A 122 12.38 -8.67 10.31
N HIS A 123 11.89 -7.66 9.61
CA HIS A 123 11.92 -6.30 10.17
C HIS A 123 11.00 -6.17 11.40
N ALA A 124 9.81 -6.75 11.33
CA ALA A 124 8.89 -6.69 12.46
C ALA A 124 9.56 -7.33 13.67
N ARG A 125 10.22 -8.46 13.43
CA ARG A 125 10.89 -9.19 14.49
C ARG A 125 12.03 -8.37 15.09
N GLU A 126 12.92 -7.85 14.24
CA GLU A 126 14.04 -7.07 14.75
C GLU A 126 13.58 -5.81 15.47
N ALA A 127 12.38 -5.33 15.12
CA ALA A 127 11.84 -4.14 15.77
C ALA A 127 11.16 -4.47 17.11
N GLY A 128 11.05 -5.76 17.42
CA GLY A 128 10.47 -6.16 18.68
C GLY A 128 8.98 -6.49 18.68
N ALA A 129 8.37 -6.63 17.51
CA ALA A 129 7.01 -7.13 17.44
C ALA A 129 7.03 -8.61 17.76
N GLU A 130 5.98 -9.12 18.43
CA GLU A 130 5.85 -10.56 18.62
C GLU A 130 4.96 -11.14 17.53
N ILE A 131 5.47 -12.16 16.85
CA ILE A 131 4.73 -12.79 15.76
C ILE A 131 4.40 -14.24 16.11
N ARG A 132 3.12 -14.56 16.24
CA ARG A 132 2.73 -15.94 16.53
C ARG A 132 2.09 -16.56 15.30
N ARG A 133 2.69 -17.63 14.78
CA ARG A 133 2.17 -18.34 13.62
C ARG A 133 1.40 -19.59 14.04
N GLY A 134 0.30 -19.89 13.35
CA GLY A 134 -0.57 -20.99 13.74
C GLY A 134 -1.52 -20.58 14.85
N HIS A 135 -1.77 -19.27 14.95
CA HIS A 135 -2.71 -18.73 15.94
C HIS A 135 -3.84 -18.03 15.19
N GLU A 136 -5.03 -18.62 15.26
CA GLU A 136 -6.18 -18.11 14.54
C GLU A 136 -7.14 -17.35 15.45
N VAL A 137 -7.43 -16.10 15.12
CA VAL A 137 -8.42 -15.33 15.86
C VAL A 137 -9.81 -15.86 15.51
N THR A 138 -10.61 -16.17 16.54
CA THR A 138 -11.94 -16.75 16.30
C THR A 138 -13.06 -15.91 16.93
N GLY A 139 -12.68 -14.92 17.73
CA GLY A 139 -13.68 -14.13 18.42
C GLY A 139 -13.14 -12.77 18.78
N LEU A 140 -14.05 -11.81 18.90
CA LEU A 140 -13.65 -10.43 19.11
C LEU A 140 -14.74 -9.71 19.90
N ARG A 141 -14.34 -9.11 21.02
CA ARG A 141 -15.24 -8.40 21.92
C ARG A 141 -14.61 -7.05 22.27
N GLN A 142 -15.43 -6.03 22.40
CA GLN A 142 -14.94 -4.65 22.46
C GLN A 142 -15.71 -3.90 23.56
N ASP A 143 -15.02 -3.15 24.42
CA ASP A 143 -15.72 -2.21 25.29
C ASP A 143 -15.06 -0.84 25.29
N ALA A 144 -15.39 0.00 26.26
CA ALA A 144 -14.95 1.40 26.20
C ALA A 144 -13.45 1.57 26.44
N GLU A 145 -12.82 0.53 27.00
CA GLU A 145 -11.41 0.59 27.39
C GLU A 145 -10.52 -0.39 26.62
N ALA A 146 -11.08 -1.46 26.10
CA ALA A 146 -10.22 -2.49 25.54
C ALA A 146 -10.92 -3.39 24.54
N VAL A 147 -10.10 -4.19 23.85
CA VAL A 147 -10.59 -5.23 22.97
C VAL A 147 -10.08 -6.56 23.52
N GLU A 148 -10.92 -7.59 23.45
CA GLU A 148 -10.49 -8.94 23.80
C GLU A 148 -10.61 -9.78 22.56
N VAL A 149 -9.54 -10.49 22.26
CA VAL A 149 -9.47 -11.34 21.10
C VAL A 149 -9.43 -12.78 21.58
N THR A 150 -10.26 -13.65 21.02
CA THR A 150 -10.20 -15.07 21.34
C THR A 150 -9.44 -15.79 20.24
N VAL A 151 -8.58 -16.70 20.65
CA VAL A 151 -7.61 -17.28 19.74
C VAL A 151 -7.56 -18.80 19.88
N ALA A 152 -7.54 -19.49 18.74
CA ALA A 152 -7.28 -20.92 18.74
C ALA A 152 -5.81 -21.10 18.40
N GLY A 153 -5.05 -21.61 19.36
CA GLY A 153 -3.63 -21.76 19.19
C GLY A 153 -3.19 -23.21 19.33
N PRO A 154 -1.88 -23.46 19.18
CA PRO A 154 -1.32 -24.81 19.25
C PRO A 154 -1.46 -25.45 20.63
N SER A 155 -1.66 -24.65 21.68
CA SER A 155 -1.85 -25.21 23.01
C SER A 155 -3.26 -24.92 23.54
N GLY A 156 -4.20 -24.73 22.62
CA GLY A 156 -5.59 -24.55 23.00
C GLY A 156 -6.06 -23.11 22.85
N PRO A 157 -7.32 -22.85 23.21
CA PRO A 157 -7.88 -21.51 23.08
C PRO A 157 -7.37 -20.60 24.19
N TYR A 158 -7.19 -19.32 23.87
CA TYR A 158 -6.88 -18.35 24.90
C TYR A 158 -7.37 -16.97 24.49
N ARG A 159 -7.31 -16.02 25.41
CA ARG A 159 -7.73 -14.65 25.11
C ARG A 159 -6.58 -13.67 25.22
N VAL A 160 -6.61 -12.66 24.36
CA VAL A 160 -5.65 -11.58 24.37
C VAL A 160 -6.41 -10.28 24.62
N ARG A 161 -5.92 -9.46 25.53
CA ARG A 161 -6.50 -8.16 25.78
C ARG A 161 -5.59 -7.06 25.26
N ALA A 162 -6.15 -6.13 24.54
CA ALA A 162 -5.36 -5.05 23.93
C ALA A 162 -6.12 -3.72 23.94
N ARG A 163 -5.43 -2.62 23.67
CA ARG A 163 -6.12 -1.32 23.55
C ARG A 163 -6.87 -1.26 22.21
N TYR A 164 -6.30 -1.87 21.18
CA TYR A 164 -6.86 -1.87 19.83
C TYR A 164 -6.58 -3.16 19.09
N ALA A 165 -7.44 -3.50 18.15
CA ALA A 165 -7.20 -4.64 17.27
C ALA A 165 -7.30 -4.17 15.83
N VAL A 166 -6.36 -4.57 14.99
CA VAL A 166 -6.45 -4.23 13.58
C VAL A 166 -6.54 -5.49 12.72
N GLY A 167 -7.64 -5.62 11.98
CA GLY A 167 -7.77 -6.70 11.03
C GLY A 167 -6.91 -6.42 9.80
N CYS A 168 -5.80 -7.14 9.71
CA CYS A 168 -5.00 -7.17 8.51
C CYS A 168 -5.11 -8.59 7.96
N ASP A 169 -6.32 -9.13 8.03
CA ASP A 169 -6.51 -10.55 7.80
C ASP A 169 -7.06 -10.88 6.41
N GLY A 170 -6.82 -10.01 5.44
CA GLY A 170 -7.07 -10.32 4.04
C GLY A 170 -8.51 -10.19 3.59
N GLY A 171 -8.75 -10.48 2.31
CA GLY A 171 -10.08 -10.38 1.72
C GLY A 171 -11.18 -11.10 2.47
N ARG A 172 -10.86 -12.26 3.04
CA ARG A 172 -11.84 -13.05 3.81
C ARG A 172 -11.81 -12.67 5.30
N SER A 173 -11.48 -11.42 5.58
CA SER A 173 -11.27 -10.93 6.95
C SER A 173 -12.25 -11.45 8.01
N THR A 174 -11.72 -12.16 8.98
CA THR A 174 -12.47 -12.55 10.18
C THR A 174 -12.86 -11.31 11.00
N VAL A 175 -11.89 -10.43 11.22
CA VAL A 175 -12.11 -9.22 12.01
C VAL A 175 -13.25 -8.37 11.45
N ARG A 176 -13.28 -8.20 10.13
CA ARG A 176 -14.33 -7.39 9.50
C ARG A 176 -15.75 -7.88 9.80
N ARG A 177 -15.99 -9.19 9.63
CA ARG A 177 -17.31 -9.74 9.94
C ARG A 177 -17.63 -9.70 11.42
N LEU A 178 -16.67 -10.08 12.26
CA LEU A 178 -16.88 -10.06 13.70
C LEU A 178 -17.22 -8.67 14.21
N ALA A 179 -16.65 -7.64 13.60
CA ALA A 179 -16.93 -6.28 14.03
C ALA A 179 -18.23 -5.73 13.42
N GLY A 180 -18.88 -6.52 12.58
CA GLY A 180 -20.09 -6.05 11.90
C GLY A 180 -19.89 -4.91 10.91
N ILE A 181 -18.72 -4.88 10.26
CA ILE A 181 -18.43 -3.87 9.24
C ILE A 181 -18.81 -4.37 7.84
N GLY A 182 -19.60 -3.58 7.11
CA GLY A 182 -20.05 -4.00 5.79
C GLY A 182 -18.94 -4.06 4.76
N PHE A 183 -19.11 -4.90 3.74
CA PHE A 183 -18.14 -5.05 2.66
C PHE A 183 -18.88 -4.93 1.31
N PRO A 184 -19.56 -3.79 1.11
CA PRO A 184 -20.39 -3.56 -0.08
C PRO A 184 -19.54 -3.55 -1.34
N GLY A 185 -20.13 -3.98 -2.45
CA GLY A 185 -19.42 -4.01 -3.71
C GLY A 185 -20.07 -4.97 -4.68
N THR A 186 -19.30 -5.41 -5.67
CA THR A 186 -19.83 -6.24 -6.76
C THR A 186 -19.22 -7.63 -6.69
N GLU A 187 -19.93 -8.61 -7.24
CA GLU A 187 -19.36 -9.95 -7.36
C GLU A 187 -18.61 -10.08 -8.68
N ALA A 188 -17.76 -11.10 -8.80
CA ALA A 188 -16.95 -11.28 -10.01
C ALA A 188 -17.77 -11.64 -11.25
N THR A 189 -17.36 -11.12 -12.40
CA THR A 189 -17.93 -11.54 -13.68
C THR A 189 -16.77 -11.95 -14.61
N VAL A 190 -15.56 -11.74 -14.13
CA VAL A 190 -14.35 -12.09 -14.87
C VAL A 190 -13.64 -13.23 -14.15
N ARG A 191 -13.16 -14.20 -14.91
CA ARG A 191 -12.51 -15.38 -14.35
C ARG A 191 -11.09 -15.48 -14.89
N ALA A 192 -10.12 -15.42 -13.99
CA ALA A 192 -8.73 -15.51 -14.39
C ALA A 192 -8.07 -16.73 -13.74
N LEU A 193 -7.12 -17.32 -14.45
CA LEU A 193 -6.26 -18.34 -13.89
C LEU A 193 -4.82 -17.86 -14.01
N ILE A 194 -4.00 -18.21 -13.03
CA ILE A 194 -2.57 -17.95 -13.07
C ILE A 194 -1.85 -19.23 -12.64
N GLY A 195 -0.73 -19.51 -13.28
CA GLY A 195 0.03 -20.69 -12.92
C GLY A 195 1.48 -20.61 -13.31
N TYR A 196 2.31 -21.32 -12.56
CA TYR A 196 3.66 -21.63 -12.97
C TYR A 196 3.72 -23.11 -13.28
N VAL A 197 3.84 -23.42 -14.57
CA VAL A 197 3.73 -24.78 -15.04
C VAL A 197 4.79 -25.02 -16.10
N THR A 198 4.95 -26.27 -16.48
CA THR A 198 5.99 -26.63 -17.42
C THR A 198 5.43 -26.86 -18.83
N THR A 199 6.16 -26.40 -19.83
CA THR A 199 5.91 -26.81 -21.20
C THR A 199 7.14 -27.50 -21.79
N PRO A 200 6.92 -28.55 -22.57
CA PRO A 200 8.00 -29.13 -23.37
C PRO A 200 8.25 -28.33 -24.65
N GLU A 201 7.33 -27.43 -25.00
CA GLU A 201 7.47 -26.72 -26.26
C GLU A 201 8.58 -25.68 -26.21
N ARG A 202 9.32 -25.58 -27.32
CA ARG A 202 10.41 -24.64 -27.44
C ARG A 202 10.00 -23.38 -28.19
N GLU A 203 10.61 -22.27 -27.82
CA GLU A 203 10.37 -20.98 -28.45
C GLU A 203 8.92 -20.50 -28.44
N VAL A 204 8.22 -20.80 -27.36
CA VAL A 204 6.90 -20.23 -27.16
C VAL A 204 7.07 -18.72 -26.96
N PRO A 205 6.48 -17.92 -27.85
CA PRO A 205 6.69 -16.47 -27.78
C PRO A 205 6.33 -15.92 -26.41
N ARG A 206 7.20 -15.08 -25.88
CA ARG A 206 6.98 -14.44 -24.60
C ARG A 206 6.19 -13.16 -24.83
N ARG A 207 4.90 -13.18 -24.55
CA ARG A 207 4.08 -12.01 -24.80
C ARG A 207 2.69 -12.04 -24.18
N TRP A 208 2.09 -10.86 -24.09
CA TRP A 208 0.71 -10.66 -23.75
C TRP A 208 -0.07 -10.62 -25.06
N GLU A 209 -1.27 -11.17 -25.09
CA GLU A 209 -2.11 -11.03 -26.28
C GLU A 209 -3.58 -10.95 -25.90
N ARG A 210 -4.35 -10.28 -26.75
CA ARG A 210 -5.77 -10.12 -26.55
C ARG A 210 -6.46 -10.62 -27.81
N THR A 211 -7.30 -11.63 -27.65
CA THR A 211 -8.03 -12.23 -28.76
C THR A 211 -9.51 -11.99 -28.51
N PRO A 212 -10.37 -12.35 -29.47
CA PRO A 212 -11.81 -12.20 -29.23
C PRO A 212 -12.28 -13.05 -28.05
N ASP A 213 -11.44 -13.98 -27.60
CA ASP A 213 -11.87 -14.92 -26.56
C ASP A 213 -11.28 -14.70 -25.18
N GLY A 214 -10.37 -13.75 -25.05
CA GLY A 214 -9.79 -13.45 -23.74
C GLY A 214 -8.46 -12.77 -23.81
N ILE A 215 -7.78 -12.75 -22.66
CA ILE A 215 -6.46 -12.18 -22.52
C ILE A 215 -5.54 -13.29 -22.05
N LEU A 216 -4.33 -13.32 -22.59
CA LEU A 216 -3.40 -14.40 -22.28
C LEU A 216 -1.97 -13.88 -22.21
N VAL A 217 -1.25 -14.26 -21.15
CA VAL A 217 0.19 -14.08 -21.10
C VAL A 217 0.85 -15.46 -21.06
N LEU A 218 1.83 -15.67 -21.93
CA LEU A 218 2.69 -16.85 -21.87
C LEU A 218 4.13 -16.38 -21.76
N ALA A 219 4.84 -16.82 -20.72
CA ALA A 219 6.25 -16.45 -20.56
C ALA A 219 7.09 -17.64 -20.13
N PHE A 220 7.54 -18.43 -21.12
CA PHE A 220 8.35 -19.60 -20.89
C PHE A 220 9.77 -19.41 -21.41
N PRO A 221 10.75 -20.09 -20.79
CA PRO A 221 12.11 -20.09 -21.34
C PRO A 221 12.07 -20.66 -22.77
N PRO A 222 12.89 -20.10 -23.67
CA PRO A 222 12.91 -20.55 -25.07
C PRO A 222 13.21 -22.03 -25.20
N GLU A 223 13.85 -22.64 -24.20
CA GLU A 223 14.19 -24.06 -24.28
C GLU A 223 13.12 -24.93 -23.62
N GLY A 224 12.00 -24.32 -23.26
CA GLY A 224 10.97 -25.02 -22.52
C GLY A 224 11.25 -24.99 -21.03
N GLY A 225 10.33 -25.51 -20.23
CA GLY A 225 10.54 -25.58 -18.79
C GLY A 225 9.47 -24.80 -18.06
N LEU A 226 9.72 -24.46 -16.80
CA LEU A 226 8.75 -23.72 -15.99
C LEU A 226 8.57 -22.29 -16.52
N GLY A 227 7.31 -21.88 -16.64
CA GLY A 227 6.97 -20.58 -17.17
C GLY A 227 5.68 -20.02 -16.60
N ARG A 228 5.48 -18.72 -16.83
CA ARG A 228 4.33 -17.99 -16.30
C ARG A 228 3.17 -18.02 -17.28
N VAL A 229 1.99 -18.38 -16.77
CA VAL A 229 0.77 -18.37 -17.56
C VAL A 229 -0.30 -17.54 -16.83
N VAL A 230 -0.84 -16.53 -17.50
CA VAL A 230 -2.02 -15.84 -16.99
C VAL A 230 -3.10 -15.85 -18.08
N VAL A 231 -4.31 -16.25 -17.73
CA VAL A 231 -5.38 -16.26 -18.71
C VAL A 231 -6.64 -15.64 -18.11
N ILE A 232 -7.30 -14.78 -18.89
CA ILE A 232 -8.46 -14.03 -18.41
C ILE A 232 -9.64 -14.16 -19.39
N GLU A 233 -10.79 -14.53 -18.85
CA GLU A 233 -11.99 -14.74 -19.65
C GLU A 233 -13.16 -13.93 -19.09
N TYR A 234 -13.87 -13.25 -19.97
CA TYR A 234 -14.98 -12.39 -19.58
C TYR A 234 -16.34 -13.11 -19.64
N THR A 235 -17.21 -12.74 -18.70
CA THR A 235 -18.53 -13.36 -18.51
C THR A 235 -18.88 -14.48 -19.48
N GLU A 243 -12.74 -18.55 -7.46
CA GLU A 243 -12.57 -19.25 -6.18
C GLU A 243 -12.66 -20.77 -6.33
N GLY A 244 -11.74 -21.48 -5.69
CA GLY A 244 -11.75 -22.93 -5.73
C GLY A 244 -10.54 -23.53 -6.42
N PRO A 245 -10.38 -24.87 -6.31
CA PRO A 245 -9.19 -25.59 -6.78
C PRO A 245 -9.02 -25.56 -8.30
N VAL A 246 -7.77 -25.42 -8.76
CA VAL A 246 -7.47 -25.35 -10.19
C VAL A 246 -6.55 -26.49 -10.58
N THR A 247 -6.85 -27.16 -11.69
CA THR A 247 -6.00 -28.23 -12.18
C THR A 247 -5.23 -27.79 -13.41
N LEU A 248 -4.15 -28.52 -13.71
CA LEU A 248 -3.38 -28.31 -14.92
C LEU A 248 -4.27 -28.45 -16.15
N GLU A 249 -5.27 -29.32 -16.07
CA GLU A 249 -6.21 -29.50 -17.17
C GLU A 249 -7.04 -28.22 -17.37
N ASP A 250 -7.54 -27.67 -16.26
CA ASP A 250 -8.32 -26.44 -16.29
C ASP A 250 -7.53 -25.34 -17.00
N LEU A 251 -6.27 -25.20 -16.61
CA LEU A 251 -5.41 -24.17 -17.15
C LEU A 251 -5.22 -24.35 -18.65
N GLY A 252 -4.98 -25.59 -19.06
CA GLY A 252 -4.71 -25.87 -20.47
C GLY A 252 -5.93 -25.64 -21.33
N ALA A 253 -7.10 -25.94 -20.78
CA ALA A 253 -8.34 -25.77 -21.52
C ALA A 253 -8.63 -24.29 -21.70
N ALA A 254 -8.34 -23.51 -20.66
CA ALA A 254 -8.53 -22.06 -20.73
C ALA A 254 -7.56 -21.43 -21.73
N VAL A 255 -6.30 -21.80 -21.64
CA VAL A 255 -5.31 -21.35 -22.61
C VAL A 255 -5.76 -21.66 -24.05
N ALA A 256 -6.27 -22.87 -24.28
CA ALA A 256 -6.72 -23.24 -25.63
C ALA A 256 -7.90 -22.39 -26.09
N ARG A 257 -8.83 -22.09 -25.18
CA ARG A 257 -9.99 -21.27 -25.54
C ARG A 257 -9.57 -19.87 -25.98
N VAL A 258 -8.65 -19.27 -25.23
CA VAL A 258 -8.27 -17.90 -25.49
C VAL A 258 -7.36 -17.80 -26.71
N ARG A 259 -6.35 -18.67 -26.72
CA ARG A 259 -5.31 -18.63 -27.72
C ARG A 259 -5.81 -19.13 -29.08
N GLY A 260 -6.66 -20.15 -29.05
CA GLY A 260 -7.17 -20.73 -30.29
C GLY A 260 -6.35 -21.90 -30.79
N THR A 261 -5.30 -22.23 -30.04
CA THR A 261 -4.42 -23.35 -30.32
C THR A 261 -3.93 -23.91 -28.99
N PRO A 262 -4.06 -25.23 -28.79
CA PRO A 262 -3.63 -25.85 -27.53
C PRO A 262 -2.15 -25.64 -27.28
N LEU A 263 -1.78 -25.54 -26.01
CA LEU A 263 -0.38 -25.50 -25.60
C LEU A 263 -0.11 -26.70 -24.70
N THR A 264 0.93 -27.46 -25.02
CA THR A 264 1.26 -28.62 -24.20
C THR A 264 1.76 -28.17 -22.83
N LEU A 265 1.03 -28.54 -21.78
CA LEU A 265 1.43 -28.20 -20.42
C LEU A 265 1.56 -29.47 -19.61
N THR A 266 2.67 -29.60 -18.89
CA THR A 266 2.93 -30.81 -18.14
C THR A 266 3.45 -30.51 -16.74
N GLU A 267 3.47 -31.52 -15.88
CA GLU A 267 4.21 -31.43 -14.64
C GLU A 267 5.68 -31.25 -15.03
N PRO A 268 6.50 -30.71 -14.11
CA PRO A 268 6.14 -30.30 -12.76
C PRO A 268 5.28 -29.02 -12.73
N VAL A 269 4.25 -29.01 -11.89
CA VAL A 269 3.42 -27.82 -11.68
C VAL A 269 3.78 -27.18 -10.36
N SER A 270 4.22 -25.93 -10.42
CA SER A 270 4.75 -25.27 -9.23
C SER A 270 3.67 -24.48 -8.47
N TRP A 271 2.73 -23.88 -9.18
CA TRP A 271 1.68 -23.07 -8.52
C TRP A 271 0.52 -22.84 -9.48
N LEU A 272 -0.70 -22.90 -8.96
CA LEU A 272 -1.90 -22.72 -9.77
C LEU A 272 -2.98 -22.05 -8.95
N SER A 273 -3.60 -21.01 -9.49
CA SER A 273 -4.57 -20.25 -8.74
C SER A 273 -5.67 -19.64 -9.63
N ARG A 274 -6.82 -19.35 -9.01
CA ARG A 274 -7.94 -18.64 -9.64
C ARG A 274 -8.04 -17.27 -9.01
N PHE A 275 -8.47 -16.28 -9.79
CA PHE A 275 -8.87 -15.01 -9.20
C PHE A 275 -9.94 -14.33 -10.04
N GLY A 276 -10.61 -13.31 -9.47
CA GLY A 276 -11.69 -12.63 -10.17
C GLY A 276 -11.70 -11.13 -9.96
N ASP A 277 -12.76 -10.49 -10.44
CA ASP A 277 -12.87 -9.04 -10.31
C ASP A 277 -13.95 -8.60 -9.30
N ALA A 278 -14.27 -9.44 -8.33
CA ALA A 278 -15.12 -8.97 -7.23
C ALA A 278 -14.50 -7.70 -6.65
N SER A 279 -15.29 -6.63 -6.53
CA SER A 279 -14.72 -5.37 -6.04
C SER A 279 -15.49 -4.89 -4.82
N ARG A 280 -14.85 -5.00 -3.65
CA ARG A 280 -15.52 -4.65 -2.41
C ARG A 280 -14.60 -3.82 -1.52
N GLN A 281 -15.21 -3.03 -0.66
CA GLN A 281 -14.46 -2.18 0.23
C GLN A 281 -15.21 -2.07 1.55
N ALA A 282 -14.47 -2.11 2.65
CA ALA A 282 -15.06 -1.98 3.97
C ALA A 282 -15.72 -0.62 4.08
N LYS A 283 -16.97 -0.58 4.52
CA LYS A 283 -17.70 0.68 4.60
C LYS A 283 -17.09 1.62 5.64
N ARG A 284 -16.57 1.05 6.72
CA ARG A 284 -15.84 1.80 7.75
C ARG A 284 -14.49 1.14 7.95
N TYR A 285 -13.40 1.93 7.96
CA TYR A 285 -12.08 1.39 8.30
C TYR A 285 -11.88 1.32 9.82
N ARG A 286 -12.78 1.94 10.56
CA ARG A 286 -12.69 1.94 12.02
C ARG A 286 -14.06 1.72 12.64
N SER A 287 -14.13 0.82 13.62
CA SER A 287 -15.32 0.69 14.46
C SER A 287 -14.86 0.62 15.90
N GLY A 288 -14.84 1.78 16.57
CA GLY A 288 -14.39 1.83 17.95
C GLY A 288 -12.91 1.52 18.08
N ARG A 289 -12.61 0.47 18.84
CA ARG A 289 -11.22 0.03 19.03
C ARG A 289 -10.74 -1.00 18.00
N VAL A 290 -11.58 -1.27 16.99
CA VAL A 290 -11.23 -2.18 15.89
C VAL A 290 -11.04 -1.41 14.58
N LEU A 291 -9.92 -1.63 13.89
CA LEU A 291 -9.67 -1.01 12.59
C LEU A 291 -9.35 -2.09 11.56
N LEU A 292 -9.30 -1.71 10.28
CA LEU A 292 -9.01 -2.65 9.19
C LEU A 292 -7.99 -2.02 8.26
N ALA A 293 -7.14 -2.86 7.67
CA ALA A 293 -6.13 -2.42 6.72
C ALA A 293 -5.86 -3.50 5.66
N GLY A 294 -5.45 -3.09 4.47
CA GLY A 294 -5.08 -4.05 3.45
C GLY A 294 -6.31 -4.65 2.81
N ASP A 295 -6.19 -5.88 2.35
CA ASP A 295 -7.27 -6.52 1.62
C ASP A 295 -8.49 -6.75 2.51
N ALA A 296 -8.28 -6.85 3.82
CA ALA A 296 -9.39 -6.79 4.77
C ALA A 296 -10.31 -5.59 4.50
N ALA A 297 -9.73 -4.53 3.97
CA ALA A 297 -10.47 -3.29 3.75
C ALA A 297 -10.88 -3.04 2.30
N HIS A 298 -10.27 -3.77 1.37
CA HIS A 298 -10.56 -3.58 -0.05
C HIS A 298 -10.02 -4.72 -0.88
N VAL A 299 -10.85 -5.28 -1.75
CA VAL A 299 -10.39 -6.24 -2.77
C VAL A 299 -10.89 -5.78 -4.15
N HIS A 300 -10.22 -6.27 -5.20
CA HIS A 300 -10.48 -5.87 -6.60
C HIS A 300 -9.61 -6.76 -7.47
N PHE A 301 -9.90 -6.76 -8.77
CA PHE A 301 -9.09 -7.49 -9.74
C PHE A 301 -7.66 -7.00 -9.71
N PRO A 302 -6.68 -7.90 -9.87
CA PRO A 302 -5.28 -7.48 -9.90
C PRO A 302 -4.92 -7.01 -11.29
N ILE A 303 -5.02 -5.71 -11.53
CA ILE A 303 -4.57 -5.17 -12.81
C ILE A 303 -3.85 -3.87 -12.49
N GLY A 304 -2.60 -3.77 -12.94
CA GLY A 304 -1.77 -2.63 -12.64
C GLY A 304 -0.91 -2.84 -11.39
N GLY A 305 -1.18 -3.89 -10.63
CA GLY A 305 -0.38 -4.20 -9.44
C GLY A 305 -0.50 -3.14 -8.36
N GLN A 306 -1.70 -2.99 -7.83
CA GLN A 306 -2.00 -1.88 -6.94
C GLN A 306 -2.41 -2.33 -5.53
N GLY A 307 -2.86 -3.56 -5.40
CA GLY A 307 -3.42 -4.02 -4.14
C GLY A 307 -2.46 -3.93 -2.98
N LEU A 308 -1.33 -4.59 -3.07
CA LEU A 308 -0.38 -4.57 -1.95
C LEU A 308 0.18 -3.16 -1.72
N ASN A 309 0.44 -2.42 -2.79
CA ASN A 309 0.88 -1.03 -2.66
C ASN A 309 -0.07 -0.22 -1.79
N THR A 310 -1.37 -0.36 -2.05
CA THR A 310 -2.40 0.35 -1.30
C THR A 310 -2.40 -0.09 0.17
N GLY A 311 -2.29 -1.38 0.40
CA GLY A 311 -2.24 -1.93 1.75
C GLY A 311 -1.04 -1.49 2.58
N LEU A 312 0.16 -1.52 2.00
CA LEU A 312 1.35 -1.10 2.72
C LEU A 312 1.23 0.37 3.08
N GLN A 313 0.66 1.14 2.16
CA GLN A 313 0.43 2.54 2.45
C GLN A 313 -0.69 2.77 3.48
N ASP A 314 -1.70 1.90 3.48
CA ASP A 314 -2.72 1.92 4.54
C ASP A 314 -1.97 1.81 5.88
N ALA A 315 -1.12 0.80 5.96
CA ALA A 315 -0.40 0.47 7.19
C ALA A 315 0.45 1.65 7.69
N VAL A 316 1.12 2.32 6.76
CA VAL A 316 2.00 3.42 7.17
C VAL A 316 1.20 4.67 7.52
N ASN A 317 0.02 4.83 6.91
CA ASN A 317 -0.89 5.89 7.32
C ASN A 317 -1.31 5.67 8.78
N LEU A 318 -1.71 4.45 9.09
CA LEU A 318 -2.31 4.09 10.37
C LEU A 318 -1.33 3.96 11.53
N GLY A 319 -0.21 3.28 11.28
CA GLY A 319 0.71 2.91 12.35
C GLY A 319 1.07 4.05 13.30
N TRP A 320 1.61 5.12 12.74
CA TRP A 320 2.04 6.24 13.59
C TRP A 320 0.87 6.89 14.32
N LYS A 321 -0.29 6.94 13.69
CA LYS A 321 -1.45 7.57 14.31
C LYS A 321 -1.98 6.72 15.48
N LEU A 322 -2.01 5.40 15.27
CA LEU A 322 -2.50 4.49 16.29
C LEU A 322 -1.55 4.40 17.49
N ALA A 323 -0.25 4.35 17.24
CA ALA A 323 0.74 4.40 18.30
C ALA A 323 0.60 5.71 19.10
N ALA A 324 0.48 6.82 18.39
CA ALA A 324 0.24 8.13 19.01
C ALA A 324 -1.00 8.11 19.91
N ARG A 325 -2.08 7.49 19.45
CA ARG A 325 -3.31 7.40 20.22
C ARG A 325 -3.09 6.59 21.50
N VAL A 326 -2.39 5.46 21.36
CA VAL A 326 -2.06 4.63 22.50
C VAL A 326 -1.21 5.41 23.51
N ARG A 327 -0.24 6.15 23.01
CA ARG A 327 0.64 6.91 23.90
C ARG A 327 -0.02 8.17 24.50
N GLY A 328 -1.10 8.64 23.87
CA GLY A 328 -1.90 9.71 24.45
C GLY A 328 -1.96 11.02 23.69
N TRP A 329 -0.92 11.33 22.92
CA TRP A 329 -0.89 12.61 22.23
C TRP A 329 -1.62 12.59 20.92
N GLY A 330 -1.90 11.39 20.39
CA GLY A 330 -2.69 11.24 19.19
C GLY A 330 -4.18 11.28 19.56
N SER A 331 -4.90 12.25 19.02
CA SER A 331 -6.31 12.42 19.38
C SER A 331 -7.24 11.42 18.69
N GLU A 332 -8.47 11.31 19.20
CA GLU A 332 -9.51 10.54 18.53
C GLU A 332 -9.72 11.07 17.12
N GLU A 333 -9.73 12.40 16.99
N GLU A 333 -9.72 12.40 17.01
CA GLU A 333 -9.85 13.06 15.69
CA GLU A 333 -9.86 13.06 15.71
C GLU A 333 -8.74 12.59 14.75
C GLU A 333 -8.75 12.63 14.76
N LEU A 334 -7.52 12.54 15.25
CA LEU A 334 -6.40 12.09 14.45
C LEU A 334 -6.64 10.66 13.95
N LEU A 335 -7.06 9.78 14.86
CA LEU A 335 -7.25 8.40 14.48
C LEU A 335 -8.32 8.27 13.43
N ASP A 336 -9.38 9.08 13.53
CA ASP A 336 -10.44 9.09 12.55
C ASP A 336 -9.96 9.48 11.15
N THR A 337 -8.84 10.18 11.05
CA THR A 337 -8.37 10.58 9.73
C THR A 337 -7.86 9.38 8.94
N TYR A 338 -7.58 8.26 9.61
CA TYR A 338 -7.17 7.05 8.90
C TYR A 338 -8.25 6.69 7.88
N HIS A 339 -9.46 6.46 8.36
CA HIS A 339 -10.58 6.19 7.45
C HIS A 339 -10.75 7.33 6.45
N ASP A 340 -10.85 8.56 6.94
CA ASP A 340 -11.15 9.70 6.07
C ASP A 340 -10.15 9.82 4.92
N GLU A 341 -8.88 9.57 5.19
CA GLU A 341 -7.83 9.74 4.20
C GLU A 341 -7.68 8.53 3.28
N ARG A 342 -7.82 7.34 3.85
CA ARG A 342 -7.46 6.13 3.11
C ARG A 342 -8.65 5.47 2.40
N HIS A 343 -9.87 5.63 2.93
CA HIS A 343 -11.03 5.08 2.23
C HIS A 343 -11.15 5.61 0.78
N PRO A 344 -11.02 6.92 0.60
CA PRO A 344 -11.15 7.46 -0.77
C PRO A 344 -10.09 6.91 -1.72
N VAL A 345 -8.91 6.60 -1.20
CA VAL A 345 -7.84 6.07 -2.05
C VAL A 345 -8.21 4.72 -2.63
N ALA A 346 -8.62 3.78 -1.78
CA ALA A 346 -8.96 2.44 -2.26
C ALA A 346 -10.22 2.50 -3.11
N GLU A 347 -11.09 3.45 -2.83
CA GLU A 347 -12.30 3.59 -3.63
C GLU A 347 -11.93 3.86 -5.09
N ARG A 348 -10.91 4.69 -5.30
CA ARG A 348 -10.50 5.05 -6.64
C ARG A 348 -9.76 3.88 -7.28
N VAL A 349 -9.05 3.10 -6.47
CA VAL A 349 -8.38 1.90 -6.99
C VAL A 349 -9.39 0.87 -7.49
N LEU A 350 -10.43 0.61 -6.70
CA LEU A 350 -11.50 -0.27 -7.15
C LEU A 350 -12.03 0.21 -8.49
N LEU A 351 -12.35 1.49 -8.58
CA LEU A 351 -12.95 2.01 -9.80
C LEU A 351 -12.00 1.94 -11.00
N ASN A 352 -10.72 2.19 -10.77
CA ASN A 352 -9.79 2.19 -11.91
C ASN A 352 -9.49 0.80 -12.42
N THR A 353 -9.57 -0.21 -11.55
CA THR A 353 -9.35 -1.59 -11.99
C THR A 353 -10.53 -2.06 -12.83
N ARG A 354 -11.74 -1.73 -12.40
CA ARG A 354 -12.95 -1.99 -13.17
C ARG A 354 -12.87 -1.30 -14.54
N ALA A 355 -12.44 -0.04 -14.55
CA ALA A 355 -12.31 0.72 -15.79
C ALA A 355 -11.32 0.08 -16.77
N GLN A 356 -10.24 -0.48 -16.22
CA GLN A 356 -9.21 -1.08 -17.06
C GLN A 356 -9.72 -2.38 -17.67
N LEU A 357 -10.53 -3.11 -16.93
CA LEU A 357 -11.16 -4.30 -17.47
C LEU A 357 -12.04 -3.93 -18.66
N ALA A 358 -12.73 -2.79 -18.59
CA ALA A 358 -13.52 -2.32 -19.73
C ALA A 358 -12.58 -2.06 -20.91
N LEU A 359 -11.44 -1.44 -20.64
CA LEU A 359 -10.46 -1.14 -21.68
C LEU A 359 -9.80 -2.37 -22.30
N MET A 360 -9.83 -3.51 -21.60
CA MET A 360 -9.23 -4.72 -22.15
C MET A 360 -10.24 -5.70 -22.69
N ARG A 361 -11.52 -5.38 -22.54
CA ARG A 361 -12.58 -6.32 -22.91
C ARG A 361 -12.36 -6.87 -24.32
N PRO A 362 -12.36 -8.20 -24.46
CA PRO A 362 -12.23 -8.80 -25.79
C PRO A 362 -13.47 -8.41 -26.56
N ASP A 363 -13.27 -7.82 -27.72
CA ASP A 363 -14.36 -7.28 -28.50
C ASP A 363 -13.71 -6.43 -29.56
N GLU A 364 -13.66 -6.97 -30.78
CA GLU A 364 -13.06 -6.26 -31.90
C GLU A 364 -13.99 -5.18 -32.41
N GLN A 365 -15.29 -5.36 -32.21
CA GLN A 365 -16.29 -4.43 -32.73
C GLN A 365 -16.13 -3.00 -32.24
N HIS A 366 -16.03 -2.81 -30.92
CA HIS A 366 -16.03 -1.48 -30.33
C HIS A 366 -14.79 -1.20 -29.48
N THR A 367 -14.41 -2.15 -28.63
CA THR A 367 -13.33 -1.93 -27.68
C THR A 367 -11.98 -1.75 -28.38
N THR A 368 -11.72 -2.54 -29.43
CA THR A 368 -10.49 -2.36 -30.18
C THR A 368 -10.32 -0.92 -30.69
N PRO A 369 -11.34 -0.37 -31.37
CA PRO A 369 -11.23 1.05 -31.75
C PRO A 369 -11.03 2.01 -30.57
N LEU A 370 -11.78 1.84 -29.48
CA LEU A 370 -11.53 2.65 -28.30
C LEU A 370 -10.09 2.56 -27.83
N ARG A 371 -9.54 1.36 -27.76
CA ARG A 371 -8.16 1.20 -27.34
C ARG A 371 -7.21 2.05 -28.21
N GLY A 372 -7.51 2.12 -29.51
CA GLY A 372 -6.73 2.97 -30.39
C GLY A 372 -6.67 4.43 -29.96
N PHE A 373 -7.81 5.00 -29.59
CA PHE A 373 -7.80 6.39 -29.17
C PHE A 373 -7.13 6.58 -27.81
N VAL A 374 -7.34 5.62 -26.90
CA VAL A 374 -6.70 5.68 -25.60
C VAL A 374 -5.18 5.65 -25.76
N GLU A 375 -4.72 4.78 -26.66
N GLU A 375 -4.73 4.78 -26.67
CA GLU A 375 -3.28 4.69 -26.97
CA GLU A 375 -3.31 4.68 -26.99
C GLU A 375 -2.74 6.04 -27.45
C GLU A 375 -2.76 6.04 -27.44
N GLU A 376 -3.47 6.70 -28.37
CA GLU A 376 -3.09 8.03 -28.82
C GLU A 376 -2.98 8.99 -27.64
N LEU A 377 -4.01 8.98 -26.80
CA LEU A 377 -4.06 9.90 -25.67
C LEU A 377 -2.91 9.67 -24.70
N LEU A 378 -2.49 8.41 -24.57
CA LEU A 378 -1.36 8.07 -23.71
C LEU A 378 -0.04 8.68 -24.20
N GLY A 379 0.00 9.07 -25.47
CA GLY A 379 1.17 9.75 -26.01
C GLY A 379 1.16 11.25 -25.78
N THR A 380 0.16 11.73 -25.05
CA THR A 380 0.17 13.13 -24.63
C THR A 380 0.60 13.19 -23.17
N ASP A 381 1.39 14.21 -22.84
CA ASP A 381 1.95 14.30 -21.49
C ASP A 381 0.86 14.37 -20.44
N GLU A 382 -0.18 15.16 -20.70
CA GLU A 382 -1.23 15.36 -19.72
C GLU A 382 -2.00 14.09 -19.35
N VAL A 383 -2.42 13.33 -20.35
CA VAL A 383 -3.13 12.09 -20.06
C VAL A 383 -2.18 11.03 -19.49
N ASN A 384 -0.97 10.95 -20.03
CA ASN A 384 -0.02 9.97 -19.52
C ASN A 384 0.30 10.27 -18.05
N ARG A 385 0.44 11.56 -17.73
CA ARG A 385 0.72 11.95 -16.36
C ARG A 385 -0.41 11.53 -15.42
N TYR A 386 -1.63 11.70 -15.89
CA TYR A 386 -2.84 11.32 -15.17
C TYR A 386 -2.86 9.83 -14.79
N PHE A 387 -2.64 8.97 -15.78
CA PHE A 387 -2.68 7.54 -15.50
C PHE A 387 -1.44 7.07 -14.75
N THR A 388 -0.31 7.69 -15.00
CA THR A 388 0.90 7.36 -14.25
C THR A 388 0.73 7.68 -12.77
N GLY A 389 0.21 8.86 -12.46
CA GLY A 389 -0.03 9.26 -11.08
C GLY A 389 -1.03 8.35 -10.40
N MET A 390 -2.03 7.90 -11.17
CA MET A 390 -3.06 7.01 -10.66
C MET A 390 -2.49 5.65 -10.24
N ILE A 391 -1.74 5.04 -11.15
CA ILE A 391 -1.21 3.70 -10.88
C ILE A 391 -0.13 3.69 -9.79
N THR A 392 0.75 4.67 -9.84
CA THR A 392 1.96 4.64 -9.00
C THR A 392 1.76 5.31 -7.66
N GLY A 393 0.63 5.97 -7.49
CA GLY A 393 0.31 6.61 -6.24
C GLY A 393 0.91 8.00 -6.03
N THR A 394 1.63 8.51 -7.02
CA THR A 394 2.19 9.86 -6.89
C THR A 394 1.11 10.96 -6.82
N ASP A 395 -0.12 10.65 -7.20
CA ASP A 395 -1.18 11.64 -7.13
C ASP A 395 -1.88 11.69 -5.78
N VAL A 396 -1.48 10.82 -4.87
CA VAL A 396 -2.11 10.82 -3.55
C VAL A 396 -1.76 12.07 -2.76
N ARG A 397 -2.78 12.78 -2.30
CA ARG A 397 -2.59 13.83 -1.31
C ARG A 397 -3.84 13.98 -0.47
N TYR A 398 -3.71 14.53 0.73
CA TYR A 398 -4.78 14.48 1.69
C TYR A 398 -5.35 15.88 1.95
N ALA A 399 -6.64 15.92 2.27
CA ALA A 399 -7.33 17.15 2.67
C ALA A 399 -7.81 16.96 4.11
N THR A 400 -6.99 17.40 5.07
CA THR A 400 -7.19 17.03 6.46
C THR A 400 -6.92 18.19 7.40
N PHE A 401 -7.76 18.34 8.42
CA PHE A 401 -7.61 19.40 9.41
C PHE A 401 -7.44 20.79 8.78
N ALA A 402 -8.28 21.11 7.81
CA ALA A 402 -8.28 22.45 7.24
C ALA A 402 -8.60 23.44 8.35
N PRO A 403 -7.93 24.61 8.35
CA PRO A 403 -8.01 25.52 9.49
C PRO A 403 -9.39 26.16 9.66
N ARG A 408 -7.66 29.69 4.97
CA ARG A 408 -7.53 28.50 4.13
C ARG A 408 -6.16 27.83 4.30
N PRO A 409 -6.06 26.53 3.97
CA PRO A 409 -4.81 25.77 4.12
C PRO A 409 -3.72 26.23 3.16
N HIS A 410 -2.47 26.16 3.58
CA HIS A 410 -1.35 26.42 2.68
C HIS A 410 -1.37 25.38 1.55
N PRO A 411 -0.96 25.79 0.34
CA PRO A 411 -0.94 24.91 -0.83
C PRO A 411 -0.21 23.58 -0.60
N TRP A 412 0.80 23.60 0.27
CA TRP A 412 1.56 22.38 0.52
C TRP A 412 0.87 21.43 1.50
N ALA A 413 -0.13 21.94 2.23
CA ALA A 413 -0.86 21.09 3.17
C ALA A 413 -1.39 19.85 2.48
N GLY A 414 -1.04 18.69 3.02
CA GLY A 414 -1.55 17.44 2.51
C GLY A 414 -0.71 16.79 1.41
N ARG A 415 0.27 17.53 0.90
CA ARG A 415 1.18 17.01 -0.15
C ARG A 415 2.26 16.13 0.45
N PHE A 416 2.81 15.25 -0.38
CA PHE A 416 3.86 14.34 0.05
C PHE A 416 5.21 15.05 0.02
N ALA A 417 5.88 15.12 1.17
CA ALA A 417 7.18 15.80 1.27
C ALA A 417 8.33 14.82 1.48
N GLY A 418 7.99 13.53 1.51
CA GLY A 418 8.95 12.50 1.85
C GLY A 418 10.14 12.37 0.92
N GLY A 419 10.01 12.89 -0.30
CA GLY A 419 11.08 12.83 -1.27
C GLY A 419 11.90 14.12 -1.40
N LEU A 420 11.68 15.09 -0.52
CA LEU A 420 12.47 16.33 -0.56
C LEU A 420 13.87 16.08 -0.04
N VAL A 421 14.83 16.86 -0.54
CA VAL A 421 16.18 16.83 0.01
C VAL A 421 16.62 18.26 0.31
N LEU A 422 17.12 18.47 1.52
CA LEU A 422 17.58 19.79 1.95
C LEU A 422 19.09 19.94 1.79
N SER A 423 19.58 21.17 1.85
CA SER A 423 21.01 21.44 1.95
C SER A 423 21.36 21.82 3.37
N GLY A 424 22.30 21.09 3.96
CA GLY A 424 22.77 21.39 5.30
C GLY A 424 23.58 22.66 5.35
N PRO A 425 23.90 23.14 6.56
CA PRO A 425 24.66 24.39 6.72
C PRO A 425 26.05 24.31 6.08
N SER A 426 26.54 23.10 5.86
CA SER A 426 27.83 22.91 5.22
C SER A 426 27.70 22.49 3.76
N GLY A 427 26.48 22.54 3.23
CA GLY A 427 26.24 22.22 1.84
C GLY A 427 25.91 20.75 1.59
N GLU A 428 26.04 19.94 2.62
CA GLU A 428 25.73 18.52 2.50
C GLU A 428 24.24 18.28 2.24
N PRO A 429 23.91 17.28 1.42
CA PRO A 429 22.53 16.89 1.14
C PRO A 429 21.89 16.24 2.36
N VAL A 430 20.67 16.65 2.68
CA VAL A 430 19.96 16.10 3.82
C VAL A 430 18.58 15.62 3.39
N PRO A 431 18.49 14.34 2.99
CA PRO A 431 17.22 13.78 2.49
C PRO A 431 16.20 13.76 3.62
N VAL A 432 14.97 14.19 3.33
CA VAL A 432 13.91 14.13 4.32
C VAL A 432 13.55 12.68 4.61
N ALA A 433 13.67 11.81 3.60
CA ALA A 433 13.48 10.38 3.84
C ALA A 433 14.28 9.84 5.02
N GLU A 434 15.54 10.25 5.12
CA GLU A 434 16.40 9.83 6.23
C GLU A 434 15.95 10.44 7.55
N LEU A 435 15.59 11.71 7.52
CA LEU A 435 15.11 12.38 8.74
C LEU A 435 13.87 11.69 9.31
N LEU A 436 13.02 11.16 8.42
CA LEU A 436 11.77 10.51 8.81
C LEU A 436 11.93 9.09 9.37
N ARG A 437 13.13 8.53 9.25
CA ARG A 437 13.34 7.15 9.68
C ARG A 437 13.09 6.91 11.17
N SER A 438 13.28 7.94 11.99
CA SER A 438 13.00 7.80 13.42
C SER A 438 11.49 7.80 13.74
N ALA A 439 10.66 8.04 12.73
CA ALA A 439 9.20 7.93 12.86
C ALA A 439 8.58 9.02 13.73
N ARG A 440 9.28 10.15 13.84
CA ARG A 440 8.75 11.36 14.50
C ARG A 440 8.33 12.37 13.44
N PRO A 441 7.28 13.18 13.74
CA PRO A 441 6.94 14.33 12.91
C PRO A 441 8.12 15.28 12.88
N LEU A 442 8.24 16.06 11.79
CA LEU A 442 9.36 16.98 11.60
C LEU A 442 8.88 18.39 11.31
N LEU A 443 9.48 19.38 11.95
CA LEU A 443 9.32 20.75 11.49
C LEU A 443 10.53 21.11 10.61
N LEU A 444 10.30 21.26 9.32
CA LEU A 444 11.38 21.66 8.42
C LEU A 444 11.38 23.18 8.27
N ASP A 445 12.47 23.82 8.68
CA ASP A 445 12.65 25.26 8.49
C ASP A 445 13.46 25.50 7.22
N LEU A 446 12.78 25.90 6.16
CA LEU A 446 13.40 25.99 4.85
C LEU A 446 13.96 27.38 4.58
N ALA A 447 13.60 28.34 5.41
CA ALA A 447 13.88 29.73 5.08
C ALA A 447 14.67 30.49 6.14
N GLY A 448 14.62 30.01 7.37
CA GLY A 448 15.23 30.73 8.47
C GLY A 448 14.13 31.36 9.31
N ARG A 449 13.43 30.50 10.04
CA ARG A 449 12.30 30.93 10.84
C ARG A 449 12.53 30.52 12.28
N ALA A 450 13.44 31.25 12.95
CA ALA A 450 13.77 30.97 14.34
C ALA A 450 12.52 31.05 15.22
N ASP A 451 11.55 31.87 14.80
CA ASP A 451 10.32 32.04 15.56
C ASP A 451 9.51 30.75 15.56
N LEU A 452 9.48 30.07 14.41
CA LEU A 452 8.77 28.79 14.31
C LEU A 452 9.55 27.69 15.03
N ARG A 453 10.88 27.71 14.88
CA ARG A 453 11.70 26.72 15.58
C ARG A 453 11.43 26.81 17.09
N GLU A 454 11.51 28.02 17.62
CA GLU A 454 11.29 28.22 19.06
C GLU A 454 9.87 27.80 19.49
N ALA A 455 8.89 28.15 18.69
CA ALA A 455 7.50 27.87 19.02
C ALA A 455 7.25 26.38 19.16
N THR A 456 8.13 25.57 18.59
CA THR A 456 7.97 24.12 18.54
C THR A 456 8.59 23.39 19.74
N ARG A 457 9.35 24.13 20.56
CA ARG A 457 10.06 23.52 21.70
C ARG A 457 9.21 22.70 22.66
N PRO A 458 8.03 23.21 23.04
CA PRO A 458 7.16 22.47 23.96
C PRO A 458 6.69 21.12 23.40
N TRP A 459 6.89 20.90 22.09
CA TRP A 459 6.54 19.63 21.45
C TRP A 459 7.76 18.80 21.11
N SER A 460 8.93 19.16 21.62
CA SER A 460 10.18 18.52 21.21
C SER A 460 10.30 17.08 21.68
N ASP A 461 9.42 16.65 22.60
CA ASP A 461 9.42 15.25 23.00
C ASP A 461 8.82 14.39 21.88
N ARG A 462 8.16 15.05 20.94
CA ARG A 462 7.47 14.35 19.86
C ARG A 462 7.97 14.74 18.47
N VAL A 463 8.27 16.02 18.30
CA VAL A 463 8.55 16.60 16.98
C VAL A 463 10.00 17.08 16.93
N SER A 464 10.70 16.72 15.86
CA SER A 464 12.09 17.17 15.68
C SER A 464 12.14 18.40 14.79
N VAL A 465 13.05 19.31 15.07
CA VAL A 465 13.20 20.51 14.24
C VAL A 465 14.48 20.44 13.43
N VAL A 466 14.36 20.67 12.12
CA VAL A 466 15.52 20.61 11.24
C VAL A 466 15.52 21.79 10.29
N ALA A 467 16.59 22.55 10.29
CA ALA A 467 16.73 23.69 9.38
C ALA A 467 17.52 23.22 8.18
N GLY A 468 17.13 23.70 7.00
CA GLY A 468 17.86 23.39 5.79
C GLY A 468 17.48 24.31 4.67
N GLU A 469 18.35 24.44 3.69
CA GLU A 469 18.04 25.26 2.54
C GLU A 469 17.35 24.40 1.49
N ALA A 470 16.25 24.92 0.96
CA ALA A 470 15.58 24.32 -0.18
C ALA A 470 14.49 25.25 -0.70
N THR A 471 14.30 25.26 -2.00
CA THR A 471 13.14 25.92 -2.60
C THR A 471 12.19 24.84 -3.06
N VAL A 472 10.92 24.94 -2.67
CA VAL A 472 9.91 24.00 -3.14
C VAL A 472 8.90 24.75 -4.01
N GLU A 473 8.07 24.03 -4.74
CA GLU A 473 7.04 24.66 -5.57
C GLU A 473 5.68 23.99 -5.34
N PRO A 474 4.68 24.78 -4.94
CA PRO A 474 4.78 26.23 -4.68
C PRO A 474 5.63 26.54 -3.43
N PRO A 475 5.96 27.83 -3.22
CA PRO A 475 6.86 28.24 -2.13
C PRO A 475 6.33 27.93 -0.74
N ALA A 476 7.25 27.63 0.18
CA ALA A 476 6.93 27.44 1.58
C ALA A 476 8.18 27.76 2.36
N GLN A 477 8.03 28.42 3.50
CA GLN A 477 9.17 28.72 4.35
C GLN A 477 9.37 27.62 5.40
N ALA A 478 8.29 26.90 5.70
CA ALA A 478 8.35 25.83 6.67
C ALA A 478 7.31 24.75 6.36
N LEU A 479 7.66 23.50 6.64
CA LEU A 479 6.77 22.36 6.44
C LEU A 479 6.72 21.52 7.69
N LEU A 480 5.52 21.27 8.19
CA LEU A 480 5.34 20.36 9.32
C LEU A 480 4.95 19.02 8.74
N VAL A 481 5.86 18.07 8.79
CA VAL A 481 5.70 16.80 8.08
C VAL A 481 5.32 15.67 9.02
N ARG A 482 4.32 14.89 8.62
CA ARG A 482 3.90 13.68 9.34
C ARG A 482 4.90 12.54 9.17
N PRO A 483 4.93 11.59 10.12
CA PRO A 483 5.81 10.42 9.99
C PRO A 483 5.60 9.60 8.71
N ASP A 484 4.44 9.74 8.07
CA ASP A 484 4.19 9.03 6.82
C ASP A 484 4.65 9.83 5.59
N GLY A 485 5.22 11.01 5.83
CA GLY A 485 5.85 11.77 4.75
C GLY A 485 4.97 12.86 4.15
N TYR A 486 3.70 12.89 4.55
CA TYR A 486 2.78 13.89 4.04
C TYR A 486 2.80 15.11 4.94
N VAL A 487 2.49 16.28 4.37
CA VAL A 487 2.58 17.56 5.09
C VAL A 487 1.31 17.84 5.88
N ALA A 488 1.48 18.12 7.17
CA ALA A 488 0.36 18.43 8.03
C ALA A 488 -0.01 19.90 7.90
N TRP A 489 1.00 20.76 7.84
CA TRP A 489 0.81 22.20 7.88
C TRP A 489 2.00 22.80 7.16
N ALA A 490 1.80 23.94 6.52
CA ALA A 490 2.93 24.64 5.90
C ALA A 490 2.76 26.13 6.08
N GLY A 491 3.85 26.87 5.95
CA GLY A 491 3.78 28.30 6.19
C GLY A 491 4.58 29.17 5.23
N SER A 492 3.99 30.31 4.88
CA SER A 492 4.66 31.36 4.12
C SER A 492 5.18 32.44 5.08
N PRO A 493 5.83 33.50 4.55
CA PRO A 493 6.36 34.53 5.47
C PRO A 493 5.30 35.12 6.40
N ALA A 494 4.03 35.05 5.99
CA ALA A 494 2.93 35.60 6.77
C ALA A 494 2.52 34.72 7.95
N ALA A 495 2.90 33.45 7.90
CA ALA A 495 2.59 32.51 8.99
C ALA A 495 3.21 32.94 10.33
N THR A 496 2.45 32.74 11.41
CA THR A 496 2.89 33.11 12.74
C THR A 496 3.13 31.89 13.66
N ALA A 497 3.85 32.12 14.74
CA ALA A 497 4.13 31.09 15.72
C ALA A 497 2.84 30.63 16.39
N ASP A 498 1.90 31.56 16.57
CA ASP A 498 0.60 31.19 17.09
C ASP A 498 -0.10 30.19 16.18
N GLU A 499 -0.01 30.40 14.88
CA GLU A 499 -0.67 29.48 13.96
C GLU A 499 -0.02 28.11 14.04
N LEU A 500 1.30 28.08 14.20
CA LEU A 500 1.99 26.82 14.29
C LEU A 500 1.68 26.10 15.59
N ARG A 501 1.63 26.86 16.69
CA ARG A 501 1.22 26.28 17.96
C ARG A 501 -0.14 25.60 17.84
N ALA A 502 -1.08 26.26 17.17
CA ALA A 502 -2.42 25.73 17.00
C ALA A 502 -2.41 24.43 16.18
N SER A 503 -1.65 24.43 15.10
N SER A 503 -1.63 24.42 15.11
CA SER A 503 -1.52 23.24 14.27
CA SER A 503 -1.53 23.23 14.26
C SER A 503 -0.84 22.10 15.03
C SER A 503 -0.79 22.08 14.96
N LEU A 504 0.21 22.42 15.77
CA LEU A 504 0.94 21.41 16.54
C LEU A 504 0.04 20.73 17.56
N ALA A 505 -0.75 21.54 18.27
CA ALA A 505 -1.68 21.02 19.26
C ALA A 505 -2.72 20.12 18.60
N ARG A 506 -3.23 20.53 17.46
CA ARG A 506 -4.30 19.78 16.83
C ARG A 506 -3.80 18.47 16.26
N TRP A 507 -2.61 18.51 15.65
CA TRP A 507 -2.03 17.32 15.05
C TRP A 507 -1.36 16.40 16.06
N PHE A 508 -0.59 16.98 16.97
CA PHE A 508 0.32 16.17 17.78
C PHE A 508 0.14 16.33 19.29
N GLY A 509 -1.01 16.86 19.71
CA GLY A 509 -1.32 16.92 21.12
C GLY A 509 -0.88 18.18 21.87
N PRO A 510 -1.20 18.24 23.17
CA PRO A 510 -0.92 19.46 23.91
C PRO A 510 0.57 19.64 24.16
N PRO A 511 1.01 20.88 24.34
CA PRO A 511 2.40 21.19 24.69
C PRO A 511 2.80 20.50 25.99
N ALA A 512 4.03 20.02 26.06
CA ALA A 512 4.53 19.37 27.26
C ALA A 512 4.59 20.37 28.42
N ASN A 513 4.65 19.84 29.64
CA ASN A 513 4.82 20.65 30.85
C ASN A 513 3.56 21.41 31.24
#